data_3I77
#
_entry.id   3I77
#
_cell.length_a   138.351
_cell.length_b   138.351
_cell.length_c   81.402
_cell.angle_alpha   90.00
_cell.angle_beta   90.00
_cell.angle_gamma   90.00
#
_symmetry.space_group_name_H-M   'I 4 2 2'
#
loop_
_entity.id
_entity.type
_entity.pdbx_description
1 polymer Trypsin
2 non-polymer 'CALCIUM ION'
3 non-polymer 'SULFATE ION'
4 non-polymer 'ACETATE ION'
5 water water
#
_entity_poly.entity_id   1
_entity_poly.type   'polypeptide(L)'
_entity_poly.pdbx_seq_one_letter_code
;VVGGTRAAQGEFPFMVRLINEENEGFCGGALYAQDIVLTAAHCVSGSGNNTSITATGGVVDLQSSSAVKVRSTKVLQAPG
FTKETYGKDWALIKLAQPINQPTLKIATTTAYNQGTFTVAGWGANREGGSQQRYLLKANVPFVSDAACRSSSSFILVANE
MICAGYPDTGGVDTCQGDSGGPMFRKDNADEWIQVGIVSWGYGCARPGYPGVYTEVSTFASAIASAARTL
;
_entity_poly.pdbx_strand_id   A
#
loop_
_chem_comp.id
_chem_comp.type
_chem_comp.name
_chem_comp.formula
ACT non-polymer 'ACETATE ION' 'C2 H3 O2 -1'
CA non-polymer 'CALCIUM ION' 'Ca 2'
SO4 non-polymer 'SULFATE ION' 'O4 S -2'
#
# COMPACT_ATOMS: atom_id res chain seq x y z
N VAL A 1 -2.74 7.23 8.36
CA VAL A 1 -1.76 8.27 7.84
C VAL A 1 -1.62 9.36 8.88
N VAL A 2 -0.38 9.68 9.26
CA VAL A 2 -0.09 10.72 10.26
C VAL A 2 0.35 11.98 9.48
N GLY A 3 -0.09 13.16 9.92
CA GLY A 3 0.32 14.42 9.27
C GLY A 3 -0.30 14.65 7.89
N GLY A 4 -1.45 14.01 7.63
CA GLY A 4 -2.07 14.14 6.32
C GLY A 4 -3.36 14.96 6.35
N THR A 5 -4.11 14.91 5.25
CA THR A 5 -5.38 15.61 5.16
C THR A 5 -6.36 14.70 4.42
N ARG A 6 -7.63 15.07 4.46
CA ARG A 6 -8.64 14.32 3.72
C ARG A 6 -8.44 14.33 2.19
N ALA A 7 -8.47 13.14 1.61
CA ALA A 7 -8.54 12.99 0.17
C ALA A 7 -9.95 13.35 -0.29
N ALA A 8 -10.07 13.99 -1.46
CA ALA A 8 -11.39 14.29 -2.02
C ALA A 8 -11.98 13.03 -2.66
N GLN A 9 -13.31 12.93 -2.61
CA GLN A 9 -14.02 11.89 -3.34
C GLN A 9 -13.58 11.90 -4.79
N GLY A 10 -13.17 10.75 -5.30
CA GLY A 10 -12.72 10.66 -6.68
C GLY A 10 -11.25 11.00 -6.94
N GLU A 11 -10.54 11.53 -5.94
CA GLU A 11 -9.13 11.89 -6.14
C GLU A 11 -8.21 10.65 -6.40
N PHE A 12 -8.39 9.58 -5.61
CA PHE A 12 -7.54 8.38 -5.73
C PHE A 12 -8.50 7.20 -5.84
N PRO A 13 -9.17 7.07 -6.99
CA PRO A 13 -10.32 6.17 -7.01
C PRO A 13 -9.95 4.70 -7.09
N PHE A 14 -8.65 4.42 -7.29
CA PHE A 14 -8.10 3.07 -7.31
C PHE A 14 -7.91 2.48 -5.89
N MET A 15 -8.12 3.29 -4.86
CA MET A 15 -7.90 2.87 -3.45
C MET A 15 -8.99 1.91 -3.00
N VAL A 16 -8.60 0.83 -2.32
CA VAL A 16 -9.60 -0.01 -1.64
C VAL A 16 -9.24 -0.24 -0.17
N ARG A 17 -10.27 -0.41 0.65
CA ARG A 17 -10.13 -0.79 2.06
C ARG A 17 -10.31 -2.30 2.17
N LEU A 18 -9.31 -2.98 2.70
CA LEU A 18 -9.38 -4.42 2.87
C LEU A 18 -9.66 -4.81 4.31
N ILE A 19 -10.61 -5.72 4.49
CA ILE A 19 -10.82 -6.35 5.79
C ILE A 19 -10.62 -7.85 5.62
N ASN A 20 -9.61 -8.38 6.30
CA ASN A 20 -9.35 -9.81 6.33
C ASN A 20 -10.12 -10.33 7.53
N GLU A 21 -11.32 -10.85 7.29
CA GLU A 21 -12.21 -11.29 8.40
C GLU A 21 -11.63 -12.43 9.24
N GLU A 22 -10.83 -13.27 8.60
CA GLU A 22 -10.28 -14.45 9.24
C GLU A 22 -9.25 -14.10 10.31
N ASN A 23 -8.38 -13.15 10.01
CA ASN A 23 -7.34 -12.81 10.98
C ASN A 23 -7.53 -11.42 11.56
N GLU A 24 -8.69 -10.83 11.33
CA GLU A 24 -9.03 -9.50 11.87
C GLU A 24 -8.12 -8.37 11.37
N GLY A 25 -7.61 -8.50 10.15
CA GLY A 25 -6.69 -7.49 9.62
C GLY A 25 -7.42 -6.36 8.89
N PHE A 26 -7.00 -5.13 9.14
CA PHE A 26 -7.51 -3.97 8.38
C PHE A 26 -6.32 -3.40 7.61
N CYS A 27 -6.48 -3.22 6.29
CA CYS A 27 -5.35 -2.93 5.36
C CYS A 27 -5.88 -2.05 4.23
N GLY A 28 -4.97 -1.55 3.42
CA GLY A 28 -5.32 -0.89 2.18
C GLY A 28 -4.85 -1.74 1.02
N GLY A 29 -5.17 -1.29 -0.18
CA GLY A 29 -4.75 -1.94 -1.42
C GLY A 29 -5.10 -1.01 -2.59
N ALA A 30 -4.67 -1.40 -3.77
CA ALA A 30 -4.95 -0.64 -4.97
C ALA A 30 -5.55 -1.58 -5.98
N LEU A 31 -6.43 -1.04 -6.82
CA LEU A 31 -6.96 -1.82 -7.95
C LEU A 31 -5.88 -1.93 -9.02
N TYR A 32 -5.23 -3.10 -9.05
CA TYR A 32 -4.26 -3.44 -10.07
C TYR A 32 -4.99 -3.77 -11.38
N ALA A 33 -6.07 -4.56 -11.26
CA ALA A 33 -7.09 -4.71 -12.31
C ALA A 33 -8.36 -4.40 -11.54
N GLN A 34 -9.48 -4.19 -12.22
CA GLN A 34 -10.74 -3.88 -11.52
C GLN A 34 -11.18 -5.03 -10.58
N ASP A 35 -10.71 -6.23 -10.84
CA ASP A 35 -11.03 -7.36 -9.97
C ASP A 35 -9.79 -8.03 -9.35
N ILE A 36 -8.68 -7.31 -9.32
CA ILE A 36 -7.44 -7.81 -8.69
C ILE A 36 -6.81 -6.70 -7.85
N VAL A 37 -6.70 -6.93 -6.55
CA VAL A 37 -6.18 -5.93 -5.64
C VAL A 37 -4.72 -6.27 -5.38
N LEU A 38 -3.85 -5.27 -5.52
CA LEU A 38 -2.47 -5.39 -5.13
C LEU A 38 -2.37 -4.84 -3.72
N THR A 39 -1.81 -5.66 -2.81
CA THR A 39 -1.68 -5.25 -1.40
C THR A 39 -0.33 -5.80 -0.86
N ALA A 40 -0.15 -5.77 0.46
CA ALA A 40 1.07 -6.34 1.05
C ALA A 40 0.91 -7.85 1.34
N ALA A 41 2.00 -8.63 1.20
CA ALA A 41 2.00 -10.03 1.62
C ALA A 41 1.62 -10.15 3.09
N HIS A 42 2.05 -9.19 3.91
CA HIS A 42 1.81 -9.34 5.35
C HIS A 42 0.34 -9.09 5.73
N CYS A 43 -0.46 -8.64 4.77
CA CYS A 43 -1.90 -8.49 4.96
C CYS A 43 -2.67 -9.79 4.83
N VAL A 44 -2.02 -10.85 4.36
CA VAL A 44 -2.70 -12.16 4.19
C VAL A 44 -1.84 -13.25 4.81
N SER A 45 -2.41 -14.43 5.03
CA SER A 45 -1.59 -15.51 5.63
C SER A 45 -0.99 -16.54 4.66
N GLY A 46 -1.32 -16.43 3.37
CA GLY A 46 -0.76 -17.33 2.37
C GLY A 46 -1.54 -17.29 1.07
N SER A 47 -1.24 -18.23 0.18
CA SER A 47 -1.87 -18.31 -1.13
C SER A 47 -2.97 -19.37 -1.16
N GLY A 48 -3.92 -19.23 -2.08
CA GLY A 48 -4.93 -20.26 -2.31
C GLY A 48 -6.30 -19.65 -2.39
N ASN A 49 -7.32 -20.50 -2.51
CA ASN A 49 -8.69 -20.06 -2.44
C ASN A 49 -8.98 -19.46 -1.09
N ASN A 50 -9.61 -18.29 -1.11
CA ASN A 50 -9.85 -17.55 0.10
C ASN A 50 -11.00 -16.62 -0.18
N THR A 51 -12.09 -16.84 0.55
CA THR A 51 -13.27 -16.02 0.42
C THR A 51 -13.53 -15.18 1.68
N SER A 52 -12.48 -14.94 2.47
CA SER A 52 -12.58 -14.26 3.77
C SER A 52 -12.24 -12.79 3.78
N ILE A 53 -11.81 -12.26 2.64
CA ILE A 53 -11.38 -10.88 2.57
C ILE A 53 -12.42 -10.06 1.85
N THR A 54 -12.63 -8.85 2.34
CA THR A 54 -13.59 -7.94 1.78
C THR A 54 -12.83 -6.70 1.26
N ALA A 55 -13.15 -6.24 0.05
CA ALA A 55 -12.61 -5.00 -0.52
C ALA A 55 -13.70 -3.95 -0.66
N THR A 56 -13.48 -2.78 -0.05
CA THR A 56 -14.45 -1.69 -0.14
C THR A 56 -13.86 -0.59 -1.02
N GLY A 57 -14.49 -0.36 -2.17
CA GLY A 57 -14.06 0.65 -3.13
C GLY A 57 -15.11 1.70 -3.46
N GLY A 58 -14.73 2.65 -4.33
CA GLY A 58 -15.62 3.71 -4.79
C GLY A 58 -15.77 4.97 -3.95
N VAL A 59 -15.30 4.95 -2.69
CA VAL A 59 -15.61 6.01 -1.72
C VAL A 59 -14.46 6.36 -0.77
N VAL A 60 -14.30 7.64 -0.47
CA VAL A 60 -13.36 8.06 0.58
C VAL A 60 -13.98 7.86 1.96
N ASP A 61 -15.31 7.90 2.01
CA ASP A 61 -16.07 7.75 3.27
C ASP A 61 -16.43 6.26 3.42
N LEU A 62 -15.76 5.52 4.30
CA LEU A 62 -16.05 4.08 4.45
C LEU A 62 -17.50 3.83 4.88
N GLN A 63 -18.31 4.82 5.66
CA GLN A 63 -19.68 4.60 6.09
C GLN A 63 -20.71 5.01 5.01
N SER A 64 -20.24 5.43 3.83
CA SER A 64 -21.14 5.83 2.74
C SER A 64 -22.01 4.69 2.25
N SER A 65 -23.30 4.96 2.03
CA SER A 65 -24.21 3.97 1.43
C SER A 65 -23.90 3.91 -0.05
N SER A 66 -22.81 4.75 -0.94
CA SER A 66 -22.26 4.53 -2.27
C SER A 66 -21.15 3.50 -2.31
N ALA A 67 -20.66 3.07 -1.14
CA ALA A 67 -19.54 2.11 -1.07
C ALA A 67 -19.85 0.84 -1.84
N VAL A 68 -18.83 0.29 -2.49
CA VAL A 68 -18.93 -0.98 -3.18
C VAL A 68 -18.09 -1.98 -2.40
N LYS A 69 -18.73 -3.01 -1.84
CA LYS A 69 -18.02 -4.00 -1.05
C LYS A 69 -18.09 -5.32 -1.79
N VAL A 70 -16.92 -5.87 -2.10
CA VAL A 70 -16.85 -7.09 -2.86
C VAL A 70 -15.97 -8.09 -2.08
N ARG A 71 -16.30 -9.38 -2.19
CA ARG A 71 -15.59 -10.42 -1.47
C ARG A 71 -14.51 -11.05 -2.36
N SER A 72 -13.37 -11.44 -1.76
CA SER A 72 -12.32 -12.21 -2.44
C SER A 72 -12.75 -13.61 -2.90
N THR A 73 -12.01 -14.17 -3.85
CA THR A 73 -12.12 -15.59 -4.16
C THR A 73 -10.79 -16.30 -4.05
N LYS A 74 -9.71 -15.54 -4.17
CA LYS A 74 -8.39 -16.17 -4.26
C LYS A 74 -7.30 -15.18 -3.87
N VAL A 75 -6.26 -15.69 -3.23
CA VAL A 75 -5.12 -14.85 -2.83
C VAL A 75 -3.85 -15.44 -3.37
N LEU A 76 -2.98 -14.59 -3.90
CA LEU A 76 -1.65 -15.02 -4.29
C LEU A 76 -0.63 -14.15 -3.54
N GLN A 77 0.07 -14.76 -2.60
CA GLN A 77 1.06 -14.08 -1.77
C GLN A 77 2.44 -14.33 -2.42
N ALA A 78 3.30 -13.30 -2.50
CA ALA A 78 4.66 -13.47 -3.02
C ALA A 78 5.30 -14.81 -2.59
N PRO A 79 5.77 -15.61 -3.57
CA PRO A 79 6.44 -16.89 -3.25
C PRO A 79 7.67 -16.63 -2.36
N GLY A 80 7.80 -17.42 -1.30
CA GLY A 80 8.97 -17.32 -0.47
C GLY A 80 8.84 -16.28 0.63
N PHE A 81 7.76 -15.47 0.59
CA PHE A 81 7.53 -14.48 1.65
C PHE A 81 7.59 -15.15 3.04
N THR A 82 8.28 -14.53 4.00
CA THR A 82 8.16 -15.00 5.39
C THR A 82 7.82 -13.84 6.32
N LYS A 83 8.55 -12.73 6.23
CA LYS A 83 8.12 -11.53 6.94
C LYS A 83 8.53 -10.25 6.20
N GLU A 84 7.78 -9.18 6.42
CA GLU A 84 7.97 -8.01 5.59
C GLU A 84 9.36 -7.36 5.72
N THR A 85 9.98 -7.48 6.90
CA THR A 85 11.36 -7.00 7.07
C THR A 85 12.38 -7.81 6.29
N TYR A 86 11.97 -8.98 5.75
CA TYR A 86 12.88 -9.76 4.93
C TYR A 86 12.58 -9.60 3.43
N GLY A 87 11.64 -8.72 3.10
CA GLY A 87 11.38 -8.41 1.68
C GLY A 87 10.19 -9.18 1.14
N LYS A 88 10.05 -9.18 -0.19
CA LYS A 88 8.95 -9.86 -0.90
C LYS A 88 7.55 -9.48 -0.40
N ASP A 89 7.36 -8.23 0.02
CA ASP A 89 6.09 -7.87 0.66
C ASP A 89 5.00 -7.43 -0.33
N TRP A 90 4.50 -8.39 -1.12
CA TRP A 90 3.38 -8.12 -2.02
C TRP A 90 2.44 -9.33 -2.09
N ALA A 91 1.17 -9.08 -2.40
CA ALA A 91 0.19 -10.13 -2.62
C ALA A 91 -0.89 -9.59 -3.57
N LEU A 92 -1.51 -10.49 -4.31
CA LEU A 92 -2.69 -10.19 -5.13
C LEU A 92 -3.96 -10.83 -4.56
N ILE A 93 -5.06 -10.09 -4.57
CA ILE A 93 -6.35 -10.65 -4.17
C ILE A 93 -7.32 -10.60 -5.38
N LYS A 94 -7.76 -11.78 -5.82
CA LYS A 94 -8.80 -11.84 -6.87
C LYS A 94 -10.17 -11.64 -6.21
N LEU A 95 -10.93 -10.69 -6.74
CA LEU A 95 -12.27 -10.39 -6.24
C LEU A 95 -13.35 -11.15 -7.04
N ALA A 96 -14.47 -11.49 -6.38
CA ALA A 96 -15.60 -12.19 -7.04
C ALA A 96 -16.23 -11.40 -8.18
N GLN A 97 -16.19 -10.07 -8.10
CA GLN A 97 -16.72 -9.16 -9.12
C GLN A 97 -15.81 -7.94 -9.19
N PRO A 98 -15.79 -7.25 -10.34
CA PRO A 98 -14.92 -6.10 -10.43
C PRO A 98 -15.45 -4.94 -9.64
N ILE A 99 -14.54 -4.08 -9.19
CA ILE A 99 -14.95 -2.84 -8.60
C ILE A 99 -14.78 -1.85 -9.76
N ASN A 100 -15.85 -1.15 -10.10
CA ASN A 100 -15.93 -0.44 -11.37
C ASN A 100 -15.38 0.99 -11.34
N GLN A 101 -13.83 0.95 -10.96
CA GLN A 101 -13.15 2.22 -10.71
C GLN A 101 -11.88 2.18 -11.53
N PRO A 102 -11.23 3.34 -11.72
CA PRO A 102 -9.95 3.29 -12.41
C PRO A 102 -8.95 2.41 -11.65
N THR A 103 -8.03 1.80 -12.40
CA THR A 103 -6.98 1.02 -11.82
C THR A 103 -5.74 1.92 -11.62
N LEU A 104 -4.72 1.38 -10.96
CA LEU A 104 -3.46 2.09 -10.74
C LEU A 104 -2.36 1.30 -11.45
N LYS A 105 -1.70 1.95 -12.39
CA LYS A 105 -0.63 1.30 -13.12
C LYS A 105 0.59 1.19 -12.18
N ILE A 106 1.35 0.11 -12.30
CA ILE A 106 2.56 -0.05 -11.45
C ILE A 106 3.83 0.18 -12.27
N ALA A 107 4.87 0.70 -11.60
CA ALA A 107 6.17 0.93 -12.21
C ALA A 107 6.84 -0.39 -12.54
N THR A 108 7.40 -0.49 -13.74
CA THR A 108 7.98 -1.75 -14.19
C THR A 108 9.47 -1.52 -14.37
N THR A 109 10.21 -0.11 -14.19
CA THR A 109 11.58 0.34 -14.17
C THR A 109 11.75 1.20 -12.93
N THR A 110 12.98 1.58 -12.65
CA THR A 110 13.29 2.38 -11.48
C THR A 110 13.16 3.88 -11.80
N ALA A 111 12.71 4.22 -13.02
CA ALA A 111 12.69 5.63 -13.45
C ALA A 111 11.96 6.57 -12.49
N TYR A 112 10.97 6.05 -11.77
CA TYR A 112 10.14 6.90 -10.88
C TYR A 112 10.39 6.66 -9.39
N ASN A 113 11.45 5.93 -9.09
CA ASN A 113 11.82 5.63 -7.69
C ASN A 113 12.58 6.79 -7.03
N GLN A 114 12.04 8.01 -7.14
CA GLN A 114 12.65 9.26 -6.63
C GLN A 114 11.59 10.34 -6.58
N GLY A 115 11.91 11.46 -5.96
CA GLY A 115 11.00 12.61 -5.94
C GLY A 115 10.06 12.55 -4.75
N THR A 116 8.90 13.15 -4.92
CA THR A 116 7.93 13.24 -3.86
C THR A 116 6.77 12.28 -4.13
N PHE A 117 6.55 11.36 -3.18
CA PHE A 117 5.46 10.42 -3.31
C PHE A 117 4.21 10.88 -2.58
N THR A 118 3.12 10.20 -2.89
CA THR A 118 1.88 10.37 -2.18
C THR A 118 1.50 9.02 -1.62
N VAL A 119 1.01 9.02 -0.39
CA VAL A 119 0.46 7.82 0.21
C VAL A 119 -0.98 8.13 0.64
N ALA A 120 -1.78 7.09 0.86
CA ALA A 120 -3.16 7.29 1.27
C ALA A 120 -3.63 6.09 2.04
N GLY A 121 -4.56 6.31 2.97
CA GLY A 121 -5.15 5.17 3.67
C GLY A 121 -6.13 5.56 4.74
N TRP A 122 -6.71 4.57 5.37
CA TRP A 122 -7.67 4.81 6.41
C TRP A 122 -7.08 4.37 7.77
N GLY A 123 -5.76 4.17 7.83
CA GLY A 123 -5.13 3.78 9.09
C GLY A 123 -5.10 4.90 10.10
N ALA A 124 -4.46 4.67 11.24
CA ALA A 124 -4.41 5.66 12.34
C ALA A 124 -3.70 6.97 11.94
N ASN A 125 -4.11 8.07 12.55
CA ASN A 125 -3.40 9.35 12.34
C ASN A 125 -2.44 9.69 13.47
N ARG A 126 -2.17 8.71 14.33
CA ARG A 126 -1.20 8.82 15.43
C ARG A 126 -0.93 7.40 15.89
N GLU A 127 0.26 7.19 16.45
CA GLU A 127 0.58 5.89 17.05
C GLU A 127 -0.46 5.52 18.10
N GLY A 128 -1.26 4.09 18.01
CA GLY A 128 -2.27 3.73 19.00
C GLY A 128 -3.60 4.39 18.69
N GLY A 129 -3.65 5.26 17.67
CA GLY A 129 -4.90 5.90 17.27
C GLY A 129 -5.88 4.89 16.65
N SER A 130 -7.13 5.30 16.51
CA SER A 130 -8.06 4.39 15.87
C SER A 130 -8.10 4.55 14.35
N GLN A 131 -8.84 3.66 13.70
CA GLN A 131 -8.97 3.70 12.25
C GLN A 131 -9.83 4.88 11.80
N GLN A 132 -9.64 5.30 10.55
CA GLN A 132 -10.27 6.52 10.06
C GLN A 132 -11.55 6.23 9.29
N ARG A 133 -12.52 7.10 9.42
CA ARG A 133 -13.71 7.05 8.57
C ARG A 133 -13.44 7.52 7.13
N TYR A 134 -12.68 8.61 7.02
CA TYR A 134 -12.38 9.24 5.72
C TYR A 134 -10.95 8.98 5.29
N LEU A 135 -10.78 8.62 4.03
CA LEU A 135 -9.44 8.39 3.45
C LEU A 135 -8.56 9.62 3.67
N LEU A 136 -7.35 9.39 4.22
CA LEU A 136 -6.37 10.47 4.39
C LEU A 136 -5.23 10.30 3.40
N LYS A 137 -4.61 11.40 3.03
CA LYS A 137 -3.49 11.37 2.10
C LYS A 137 -2.36 12.24 2.65
N ALA A 138 -1.14 12.00 2.17
CA ALA A 138 -0.02 12.86 2.52
C ALA A 138 1.09 12.72 1.47
N ASN A 139 1.96 13.71 1.37
CA ASN A 139 3.14 13.59 0.53
C ASN A 139 4.32 13.22 1.37
N VAL A 140 5.13 12.28 0.91
CA VAL A 140 6.36 11.90 1.59
C VAL A 140 7.49 11.81 0.56
N PRO A 141 8.64 12.47 0.83
CA PRO A 141 9.75 12.38 -0.14
C PRO A 141 10.50 11.06 -0.08
N PHE A 142 11.01 10.62 -1.23
CA PHE A 142 11.99 9.55 -1.30
C PHE A 142 13.14 9.81 -0.34
N VAL A 143 13.49 8.76 0.40
CA VAL A 143 14.70 8.73 1.25
C VAL A 143 15.59 7.60 0.69
N SER A 144 16.82 7.92 0.31
CA SER A 144 17.74 6.89 -0.24
C SER A 144 17.93 5.78 0.76
N ASP A 145 18.22 4.59 0.24
CA ASP A 145 18.54 3.43 1.08
C ASP A 145 19.60 3.79 2.12
N ALA A 146 20.62 4.52 1.69
CA ALA A 146 21.71 4.95 2.60
C ALA A 146 21.27 5.94 3.67
N ALA A 147 20.53 6.97 3.28
CA ALA A 147 20.00 7.94 4.24
C ALA A 147 19.01 7.27 5.19
N CYS A 148 18.24 6.30 4.67
CA CYS A 148 17.31 5.54 5.50
C CYS A 148 18.07 4.77 6.60
N ARG A 149 19.08 3.98 6.24
CA ARG A 149 19.86 3.23 7.25
C ARG A 149 20.56 4.11 8.30
N SER A 150 21.15 5.22 7.86
CA SER A 150 22.05 5.95 8.76
C SER A 150 21.35 6.46 10.01
N SER A 151 20.15 7.03 9.88
CA SER A 151 19.41 7.48 11.07
C SER A 151 18.70 6.33 11.81
N SER A 152 18.20 5.41 11.00
CA SER A 152 17.37 4.28 11.37
C SER A 152 18.08 3.10 12.04
N SER A 153 19.24 2.79 11.45
CA SER A 153 19.88 1.49 11.59
C SER A 153 18.96 0.29 11.19
N PHE A 154 17.95 0.58 10.34
CA PHE A 154 17.18 -0.45 9.65
C PHE A 154 18.14 -1.32 8.82
N ILE A 155 17.86 -2.61 8.73
CA ILE A 155 18.54 -3.45 7.77
C ILE A 155 17.59 -3.60 6.59
N LEU A 156 17.98 -3.11 5.41
CA LEU A 156 17.14 -3.14 4.23
C LEU A 156 17.53 -4.28 3.29
N VAL A 157 16.55 -4.88 2.61
CA VAL A 157 16.84 -5.65 1.38
C VAL A 157 16.77 -4.57 0.27
N ALA A 158 17.90 -3.96 -0.06
CA ALA A 158 17.89 -2.61 -0.74
C ALA A 158 17.05 -2.53 -2.04
N ASN A 159 17.14 -3.56 -2.91
CA ASN A 159 16.36 -3.58 -4.13
C ASN A 159 14.89 -3.94 -3.94
N GLU A 160 14.50 -4.31 -2.73
CA GLU A 160 13.14 -4.76 -2.46
C GLU A 160 12.34 -3.75 -1.63
N MET A 161 13.02 -2.69 -1.17
CA MET A 161 12.44 -1.72 -0.23
C MET A 161 12.82 -0.32 -0.61
N ILE A 162 11.84 0.59 -0.53
CA ILE A 162 12.09 2.01 -0.81
C ILE A 162 11.62 2.72 0.43
N CYS A 163 12.37 3.71 0.89
CA CYS A 163 12.03 4.44 2.11
C CYS A 163 11.46 5.81 1.74
N ALA A 164 10.57 6.33 2.57
CA ALA A 164 10.01 7.66 2.32
C ALA A 164 9.52 8.28 3.61
N GLY A 165 9.65 9.61 3.69
CA GLY A 165 9.20 10.35 4.86
C GLY A 165 10.19 11.45 5.17
N TYR A 166 10.18 11.95 6.41
CA TYR A 166 11.04 13.06 6.80
C TYR A 166 11.87 12.65 8.02
N PRO A 167 12.94 11.86 7.81
CA PRO A 167 13.71 11.41 8.95
C PRO A 167 14.31 12.51 9.85
N ASP A 168 14.57 13.69 9.29
CA ASP A 168 15.17 14.77 10.05
C ASP A 168 14.22 15.28 11.12
N THR A 169 12.92 15.27 10.81
CA THR A 169 11.93 15.90 11.68
C THR A 169 10.83 14.96 12.14
N GLY A 170 10.56 13.90 11.39
CA GLY A 170 9.34 13.11 11.58
C GLY A 170 8.10 13.89 11.17
N GLY A 171 6.92 13.44 11.61
CA GLY A 171 5.70 14.22 11.46
C GLY A 171 4.73 13.72 10.40
N VAL A 172 5.23 12.98 9.40
CA VAL A 172 4.40 12.51 8.30
C VAL A 172 4.79 11.09 7.91
N ASP A 173 3.79 10.19 7.86
CA ASP A 173 4.06 8.77 7.68
C ASP A 173 2.74 8.01 7.49
N THR A 174 2.85 6.78 7.00
CA THR A 174 1.74 5.87 7.05
C THR A 174 1.79 5.20 8.44
N CYS A 175 0.67 4.60 8.86
CA CYS A 175 0.59 4.08 10.22
C CYS A 175 -0.29 2.83 10.23
N GLN A 176 -0.54 2.27 11.41
CA GLN A 176 -1.32 1.03 11.56
C GLN A 176 -2.68 1.11 10.86
N GLY A 177 -2.92 0.17 9.95
CA GLY A 177 -4.12 0.16 9.15
C GLY A 177 -3.92 0.67 7.74
N ASP A 178 -2.72 1.21 7.46
CA ASP A 178 -2.38 1.70 6.11
C ASP A 178 -1.66 0.63 5.28
N SER A 179 -1.18 -0.42 5.96
CA SER A 179 -0.42 -1.49 5.32
C SER A 179 -1.08 -1.95 4.05
N GLY A 180 -0.27 -2.20 3.00
CA GLY A 180 -0.80 -2.74 1.75
C GLY A 180 -1.28 -1.65 0.76
N GLY A 181 -1.54 -0.46 1.26
CA GLY A 181 -1.88 0.66 0.39
C GLY A 181 -0.74 1.05 -0.54
N PRO A 182 -1.06 1.74 -1.65
CA PRO A 182 -0.04 2.07 -2.64
C PRO A 182 0.69 3.35 -2.27
N MET A 183 1.97 3.40 -2.64
CA MET A 183 2.68 4.68 -2.61
C MET A 183 2.93 5.00 -4.08
N PHE A 184 2.59 6.22 -4.48
CA PHE A 184 2.49 6.52 -5.90
C PHE A 184 2.89 7.96 -6.18
N ARG A 185 3.10 8.28 -7.45
CA ARG A 185 3.39 9.65 -7.88
C ARG A 185 3.02 9.78 -9.36
N LYS A 186 3.16 10.99 -9.91
CA LYS A 186 2.91 11.19 -11.34
C LYS A 186 4.07 10.71 -12.20
N ASP A 187 3.74 10.05 -13.31
CA ASP A 187 4.74 9.70 -14.29
C ASP A 187 4.90 10.83 -15.35
N ASN A 188 5.63 10.54 -16.42
CA ASN A 188 5.91 11.55 -17.44
C ASN A 188 4.71 12.04 -18.25
N ALA A 189 3.64 11.26 -18.22
CA ALA A 189 2.42 11.58 -18.93
C ALA A 189 1.39 12.16 -17.96
N ASP A 190 1.86 12.54 -16.77
CA ASP A 190 0.98 13.10 -15.75
C ASP A 190 -0.10 12.09 -15.32
N GLU A 191 0.23 10.80 -15.37
CA GLU A 191 -0.68 9.78 -14.82
C GLU A 191 -0.10 9.13 -13.55
N TRP A 192 -0.97 8.70 -12.66
CA TRP A 192 -0.51 8.08 -11.40
C TRP A 192 0.23 6.79 -11.70
N ILE A 193 1.38 6.60 -11.05
CA ILE A 193 2.06 5.31 -11.14
C ILE A 193 2.49 4.85 -9.75
N GLN A 194 2.38 3.54 -9.50
CA GLN A 194 2.65 2.98 -8.16
C GLN A 194 4.13 2.57 -8.05
N VAL A 195 4.82 3.12 -7.06
CA VAL A 195 6.22 2.74 -6.82
C VAL A 195 6.40 1.94 -5.52
N GLY A 196 5.41 1.97 -4.63
CA GLY A 196 5.56 1.32 -3.34
C GLY A 196 4.28 0.66 -2.86
N ILE A 197 4.45 -0.23 -1.88
CA ILE A 197 3.34 -0.77 -1.08
C ILE A 197 3.71 -0.52 0.39
N VAL A 198 2.77 0.02 1.17
CA VAL A 198 3.02 0.30 2.58
C VAL A 198 3.39 -1.02 3.25
N SER A 199 4.58 -1.07 3.85
CA SER A 199 5.14 -2.35 4.25
C SER A 199 5.45 -2.37 5.75
N TRP A 200 6.41 -1.57 6.19
CA TRP A 200 6.73 -1.58 7.64
C TRP A 200 7.46 -0.32 8.09
N GLY A 201 7.68 -0.19 9.38
CA GLY A 201 8.51 0.90 9.91
C GLY A 201 8.70 0.66 11.39
N TYR A 202 9.20 1.68 12.08
CA TYR A 202 9.35 1.58 13.52
C TYR A 202 8.61 2.77 14.14
N GLY A 203 7.25 2.61 14.76
CA GLY A 203 6.16 3.52 15.10
C GLY A 203 5.70 4.25 13.84
N CYS A 204 5.29 5.39 13.97
CA CYS A 204 4.79 6.13 12.84
C CYS A 204 5.26 7.56 13.00
N ALA A 205 5.89 8.12 11.97
CA ALA A 205 6.21 9.56 11.90
C ALA A 205 7.24 10.00 12.95
N ARG A 206 7.98 9.04 13.46
CA ARG A 206 9.05 9.33 14.42
C ARG A 206 10.24 9.93 13.71
N PRO A 207 10.87 10.93 14.33
CA PRO A 207 12.16 11.42 13.77
C PRO A 207 13.16 10.26 13.65
N GLY A 208 13.95 10.25 12.58
CA GLY A 208 14.96 9.19 12.37
C GLY A 208 14.45 7.93 11.68
N TYR A 209 13.12 7.75 11.60
CA TYR A 209 12.54 6.51 11.12
C TYR A 209 11.55 6.71 9.95
N PRO A 210 12.05 6.71 8.70
CA PRO A 210 11.14 6.85 7.55
C PRO A 210 10.25 5.60 7.45
N GLY A 211 9.15 5.67 6.71
CA GLY A 211 8.39 4.46 6.43
C GLY A 211 9.10 3.64 5.39
N VAL A 212 8.92 2.32 5.43
CA VAL A 212 9.54 1.44 4.44
C VAL A 212 8.42 0.84 3.58
N TYR A 213 8.67 0.79 2.27
CA TYR A 213 7.64 0.41 1.31
C TYR A 213 8.20 -0.69 0.43
N THR A 214 7.36 -1.62 -0.01
CA THR A 214 7.79 -2.61 -1.00
C THR A 214 8.18 -1.89 -2.31
N GLU A 215 9.37 -2.21 -2.83
CA GLU A 215 9.83 -1.54 -4.05
C GLU A 215 9.19 -2.23 -5.27
N VAL A 216 8.10 -1.64 -5.76
CA VAL A 216 7.23 -2.33 -6.74
C VAL A 216 7.96 -2.67 -8.03
N SER A 217 8.80 -1.76 -8.52
CA SER A 217 9.49 -1.97 -9.79
C SER A 217 10.25 -3.31 -9.81
N THR A 218 10.75 -3.73 -8.66
CA THR A 218 11.51 -4.97 -8.61
C THR A 218 10.61 -6.19 -8.81
N PHE A 219 9.37 -6.06 -8.38
CA PHE A 219 8.46 -7.20 -8.37
C PHE A 219 7.45 -7.14 -9.50
N ALA A 220 7.49 -6.08 -10.30
CA ALA A 220 6.44 -5.81 -11.31
C ALA A 220 6.22 -6.97 -12.29
N SER A 221 7.30 -7.60 -12.73
CA SER A 221 7.11 -8.71 -13.68
C SER A 221 6.55 -9.97 -13.00
N ALA A 222 6.99 -10.26 -11.76
CA ALA A 222 6.39 -11.36 -11.02
C ALA A 222 4.91 -11.08 -10.67
N ILE A 223 4.59 -9.82 -10.35
CA ILE A 223 3.20 -9.42 -10.10
C ILE A 223 2.31 -9.64 -11.35
N ALA A 224 2.78 -9.14 -12.50
CA ALA A 224 2.02 -9.20 -13.75
C ALA A 224 1.83 -10.66 -14.16
N SER A 225 2.89 -11.42 -14.00
CA SER A 225 2.83 -12.83 -14.32
C SER A 225 1.89 -13.61 -13.38
N ALA A 226 1.91 -13.30 -12.08
CA ALA A 226 0.98 -13.93 -11.15
C ALA A 226 -0.49 -13.52 -11.41
N ALA A 227 -0.72 -12.25 -11.73
CA ALA A 227 -2.07 -11.75 -12.00
C ALA A 227 -2.73 -12.46 -13.19
N ARG A 228 -1.91 -12.89 -14.15
CA ARG A 228 -2.39 -13.60 -15.32
C ARG A 228 -2.92 -14.99 -15.01
N THR A 229 -2.48 -15.60 -13.92
CA THR A 229 -3.01 -16.90 -13.51
C THR A 229 -4.33 -16.79 -12.72
N LEU A 230 -4.77 -15.57 -12.45
CA LEU A 230 -5.86 -15.35 -11.51
C LEU A 230 -7.23 -15.29 -12.17
CA CA B . 15.61 0.65 -2.50
S SO4 C . -7.99 8.66 17.93
O1 SO4 C . -9.38 9.07 17.92
O2 SO4 C . -7.43 8.83 16.59
O3 SO4 C . -7.25 9.46 18.90
O4 SO4 C . -7.93 7.27 18.35
S SO4 D . 3.11 0.70 9.05
O1 SO4 D . 4.22 0.73 8.10
O2 SO4 D . 3.01 -0.60 9.72
O3 SO4 D . 1.87 0.95 8.34
O4 SO4 D . 3.34 1.76 10.04
C ACT E . -16.82 -1.07 5.17
O ACT E . -16.95 -1.44 3.96
OXT ACT E . -17.89 -0.93 5.82
CH3 ACT E . -15.46 -0.84 5.79
#